data_3HMY
#
_entry.id   3HMY
#
_cell.length_a   66.960
_cell.length_b   72.690
_cell.length_c   119.050
_cell.angle_alpha   90.00
_cell.angle_beta   90.00
_cell.angle_gamma   90.00
#
_symmetry.space_group_name_H-M   'P 21 21 21'
#
loop_
_entity.id
_entity.type
_entity.pdbx_description
1 polymer 'Tetanus toxin'
2 branched 'N-acetyl-alpha-neuraminic acid-(2-8)-N-acetyl-alpha-neuraminic acid-(2-8)-N-acetyl-alpha-neuraminic acid'
3 non-polymer GLYCEROL
4 non-polymer 'SULFATE ION'
5 water water
#
_entity_poly.entity_id   1
_entity_poly.type   'polypeptide(L)'
_entity_poly.pdbx_seq_one_letter_code
;NLDCWVDNEEDIDVILKKSTILNLDINNDIISDISGFNSSVITYPDAQLVPGINGKAIHLVNNESSEVIVHKAMDIEYND
MFNNFTVSFWLRVPKVSASHLEQYGTNEYSIISSMKKHSLSIGSGWSVSLKGNNLIWTLKDSAGEVRQITFRDLPDKFNA
YLANKWVFITITNDRLSSANLYINGVLMGSAEITGLGAIREDNNITLKLDRCNNNNQYVSIDKFRIFCKALNPKEIEKLY
TSYLSITFLRDFWGNPLRYDTEYYLIPVASSSKDVQLKNITDYMYLTNAPSYTNGKLNIYYRRLYNGLKFIIKRYTPNNE
IDSFVKSGDFIKLYVSYNNNEHIVGYPKDGNAFNNLDRILRVGYNAPGIPLYKKMEAVKLRDLKTYSVQLKLYDDKNASL
GLVGTHNGQIGNDPNRDILIASNWYFNHLKDKILGCDWYFVPTDEGWTND
;
_entity_poly.pdbx_strand_id   A
#
loop_
_chem_comp.id
_chem_comp.type
_chem_comp.name
_chem_comp.formula
GOL non-polymer GLYCEROL 'C3 H8 O3'
SIA D-saccharide, alpha linking 'N-acetyl-alpha-neuraminic acid' 'C11 H19 N O9'
SO4 non-polymer 'SULFATE ION' 'O4 S -2'
#
# COMPACT_ATOMS: atom_id res chain seq x y z
N ASN A 1 11.83 32.06 11.60
CA ASN A 1 11.04 30.88 11.15
C ASN A 1 9.99 31.28 10.12
N LEU A 2 9.90 30.52 9.03
CA LEU A 2 8.95 30.81 7.97
C LEU A 2 7.71 29.92 7.95
N ASP A 3 7.46 29.18 9.02
CA ASP A 3 6.28 28.33 9.10
C ASP A 3 5.09 29.21 9.48
N CYS A 4 3.89 28.63 9.51
CA CYS A 4 2.69 29.39 9.86
C CYS A 4 2.23 29.13 11.29
N TRP A 5 1.20 29.87 11.72
CA TRP A 5 0.63 29.74 13.05
C TRP A 5 1.62 30.13 14.15
N GLU A 10 2.37 22.77 21.62
CA GLU A 10 1.08 22.49 20.93
C GLU A 10 0.98 21.01 20.55
N ASP A 11 -0.25 20.52 20.43
CA ASP A 11 -0.50 19.12 20.07
C ASP A 11 -0.26 18.88 18.59
N ILE A 12 0.41 17.77 18.26
CA ILE A 12 0.71 17.42 16.88
C ILE A 12 -0.55 17.39 16.02
N ASP A 13 -1.58 16.68 16.49
CA ASP A 13 -2.83 16.59 15.74
C ASP A 13 -3.39 17.98 15.46
N VAL A 14 -3.30 18.86 16.44
CA VAL A 14 -3.81 20.22 16.30
C VAL A 14 -2.97 20.99 15.27
N ILE A 15 -1.65 20.84 15.38
CA ILE A 15 -0.74 21.50 14.46
C ILE A 15 -1.04 21.07 13.04
N LEU A 16 -1.17 19.76 12.82
CA LEU A 16 -1.46 19.22 11.51
C LEU A 16 -2.74 19.79 10.92
N LYS A 17 -3.78 19.88 11.75
CA LYS A 17 -5.05 20.41 11.29
C LYS A 17 -4.97 21.90 10.97
N LYS A 18 -4.41 22.67 11.91
CA LYS A 18 -4.28 24.11 11.75
C LYS A 18 -3.40 24.55 10.57
N SER A 19 -2.34 23.79 10.30
CA SER A 19 -1.44 24.15 9.21
C SER A 19 -1.87 23.68 7.82
N THR A 20 -2.99 22.96 7.75
CA THR A 20 -3.50 22.46 6.47
C THR A 20 -4.20 23.57 5.67
N ILE A 21 -3.70 23.86 4.47
CA ILE A 21 -4.30 24.89 3.63
C ILE A 21 -5.02 24.32 2.40
N LEU A 22 -4.94 23.00 2.24
CA LEU A 22 -5.59 22.30 1.13
C LEU A 22 -5.68 20.81 1.51
N ASN A 23 -6.86 20.23 1.38
CA ASN A 23 -7.05 18.83 1.73
C ASN A 23 -8.11 18.20 0.83
N LEU A 24 -7.66 17.49 -0.19
CA LEU A 24 -8.58 16.86 -1.12
C LEU A 24 -9.21 15.60 -0.53
N ASP A 25 -10.53 15.59 -0.46
CA ASP A 25 -11.25 14.43 0.06
C ASP A 25 -12.29 14.00 -0.95
N ILE A 26 -12.70 12.73 -0.86
CA ILE A 26 -13.69 12.21 -1.78
C ILE A 26 -14.86 11.61 -1.00
N ASN A 27 -16.03 12.21 -1.18
CA ASN A 27 -17.25 11.77 -0.53
C ASN A 27 -18.38 11.89 -1.54
N ASN A 28 -19.31 10.94 -1.51
CA ASN A 28 -20.43 10.96 -2.44
C ASN A 28 -19.90 11.06 -3.87
N ASP A 29 -18.79 10.37 -4.10
CA ASP A 29 -18.15 10.33 -5.41
C ASP A 29 -17.86 11.69 -6.03
N ILE A 30 -17.52 12.65 -5.17
CA ILE A 30 -17.18 14.00 -5.60
C ILE A 30 -15.87 14.37 -4.91
N ILE A 31 -14.95 14.96 -5.67
CA ILE A 31 -13.68 15.38 -5.10
C ILE A 31 -13.78 16.84 -4.68
N SER A 32 -13.40 17.15 -3.44
CA SER A 32 -13.47 18.52 -2.98
C SER A 32 -12.44 18.80 -1.90
N ASP A 33 -12.23 20.09 -1.64
CA ASP A 33 -11.28 20.52 -0.63
C ASP A 33 -11.99 20.74 0.70
N ILE A 34 -11.58 20.01 1.73
CA ILE A 34 -12.19 20.13 3.05
C ILE A 34 -11.30 20.85 4.05
N SER A 35 -10.36 21.64 3.55
CA SER A 35 -9.44 22.38 4.42
C SER A 35 -10.15 23.53 5.14
N GLY A 36 -11.20 24.05 4.50
CA GLY A 36 -11.93 25.17 5.09
C GLY A 36 -11.71 26.40 4.25
N PHE A 37 -10.69 26.36 3.39
CA PHE A 37 -10.35 27.47 2.52
C PHE A 37 -11.19 27.41 1.25
N ASN A 38 -11.85 26.28 1.04
CA ASN A 38 -12.70 26.07 -0.11
C ASN A 38 -12.12 26.32 -1.50
N SER A 39 -10.94 25.79 -1.78
CA SER A 39 -10.39 25.95 -3.12
C SER A 39 -11.29 25.09 -3.99
N SER A 40 -11.68 25.60 -5.15
CA SER A 40 -12.56 24.83 -6.04
C SER A 40 -11.78 23.73 -6.73
N VAL A 41 -12.43 22.58 -6.90
CA VAL A 41 -11.80 21.44 -7.55
C VAL A 41 -12.56 21.07 -8.82
N ILE A 42 -11.87 21.11 -9.95
CA ILE A 42 -12.48 20.78 -11.22
C ILE A 42 -12.05 19.38 -11.63
N THR A 43 -13.03 18.47 -11.67
CA THR A 43 -12.76 17.10 -12.04
C THR A 43 -13.15 16.88 -13.50
N TYR A 44 -12.17 16.50 -14.33
CA TYR A 44 -12.45 16.26 -15.73
C TYR A 44 -13.05 14.88 -16.00
N PRO A 45 -13.68 14.71 -17.18
CA PRO A 45 -14.31 13.43 -17.54
C PRO A 45 -13.59 12.11 -17.29
N ASP A 46 -12.32 12.00 -17.67
CA ASP A 46 -11.65 10.73 -17.48
C ASP A 46 -10.80 10.55 -16.22
N ALA A 47 -11.02 11.41 -15.23
CA ALA A 47 -10.32 11.25 -13.96
C ALA A 47 -11.17 10.17 -13.29
N GLN A 48 -10.57 9.04 -12.95
CA GLN A 48 -11.32 7.95 -12.36
C GLN A 48 -11.17 7.81 -10.85
N LEU A 49 -12.14 7.12 -10.24
CA LEU A 49 -12.12 6.87 -8.81
C LEU A 49 -11.94 5.36 -8.60
N VAL A 50 -11.01 4.99 -7.74
CA VAL A 50 -10.73 3.59 -7.46
C VAL A 50 -10.55 3.40 -5.95
N PRO A 51 -10.43 2.15 -5.48
CA PRO A 51 -10.26 1.96 -4.04
C PRO A 51 -9.05 2.75 -3.53
N GLY A 52 -9.19 3.36 -2.36
CA GLY A 52 -8.11 4.14 -1.80
C GLY A 52 -7.63 3.63 -0.45
N ILE A 53 -6.80 4.41 0.23
CA ILE A 53 -6.27 4.00 1.53
C ILE A 53 -7.36 4.08 2.60
N ASN A 54 -8.33 4.96 2.39
CA ASN A 54 -9.44 5.14 3.32
C ASN A 54 -10.61 5.76 2.58
N GLY A 55 -11.22 4.98 1.69
CA GLY A 55 -12.33 5.46 0.88
C GLY A 55 -11.96 5.24 -0.58
N LYS A 56 -12.15 6.26 -1.41
CA LYS A 56 -11.78 6.13 -2.82
C LYS A 56 -10.61 7.06 -3.10
N ALA A 57 -9.93 6.83 -4.22
CA ALA A 57 -8.78 7.63 -4.58
C ALA A 57 -8.86 8.05 -6.04
N ILE A 58 -8.02 9.03 -6.41
CA ILE A 58 -7.99 9.53 -7.78
C ILE A 58 -7.12 8.62 -8.64
N HIS A 59 -7.64 8.23 -9.80
CA HIS A 59 -6.90 7.39 -10.72
C HIS A 59 -6.73 8.17 -12.03
N LEU A 60 -5.49 8.37 -12.44
CA LEU A 60 -5.19 9.11 -13.66
C LEU A 60 -4.60 8.22 -14.75
N VAL A 61 -5.19 8.26 -15.94
CA VAL A 61 -4.68 7.49 -17.07
C VAL A 61 -4.05 8.51 -18.02
N ASN A 62 -3.36 8.04 -19.06
CA ASN A 62 -2.67 8.95 -19.97
C ASN A 62 -3.40 9.52 -21.18
N ASN A 63 -4.33 10.44 -20.92
CA ASN A 63 -5.05 11.13 -21.99
C ASN A 63 -5.47 12.49 -21.43
N GLU A 64 -5.73 13.43 -22.34
CA GLU A 64 -6.09 14.81 -21.96
C GLU A 64 -7.32 14.98 -21.07
N SER A 65 -8.23 14.02 -21.09
CA SER A 65 -9.44 14.11 -20.29
C SER A 65 -9.29 13.60 -18.87
N SER A 66 -8.13 13.01 -18.58
CA SER A 66 -7.88 12.47 -17.25
C SER A 66 -7.07 13.46 -16.42
N GLU A 67 -7.76 14.29 -15.66
CA GLU A 67 -7.07 15.28 -14.84
C GLU A 67 -8.00 15.93 -13.81
N VAL A 68 -7.40 16.41 -12.72
CA VAL A 68 -8.14 17.09 -11.67
C VAL A 68 -7.41 18.40 -11.43
N ILE A 69 -8.11 19.51 -11.53
CA ILE A 69 -7.48 20.81 -11.33
C ILE A 69 -8.00 21.48 -10.07
N VAL A 70 -7.07 21.95 -9.24
CA VAL A 70 -7.45 22.65 -8.02
C VAL A 70 -7.14 24.12 -8.23
N HIS A 71 -8.17 24.96 -8.16
CA HIS A 71 -8.00 26.40 -8.33
C HIS A 71 -7.83 26.96 -6.92
N LYS A 72 -6.59 27.30 -6.56
CA LYS A 72 -6.30 27.82 -5.24
C LYS A 72 -7.12 29.04 -4.88
N ALA A 73 -7.66 29.04 -3.67
CA ALA A 73 -8.45 30.17 -3.19
C ALA A 73 -7.49 31.33 -2.97
N MET A 74 -7.99 32.56 -3.07
CA MET A 74 -7.16 33.75 -2.90
C MET A 74 -6.38 33.75 -1.58
N ASP A 75 -6.97 33.14 -0.55
CA ASP A 75 -6.33 33.09 0.77
C ASP A 75 -5.08 32.23 0.85
N ILE A 76 -4.92 31.31 -0.10
CA ILE A 76 -3.75 30.43 -0.09
C ILE A 76 -2.96 30.53 -1.40
N GLU A 77 -3.48 31.30 -2.34
CA GLU A 77 -2.86 31.45 -3.65
C GLU A 77 -1.35 31.72 -3.60
N TYR A 78 -0.92 32.59 -2.69
CA TYR A 78 0.48 32.96 -2.57
C TYR A 78 1.12 32.45 -1.27
N ASN A 79 0.74 31.25 -0.84
CA ASN A 79 1.29 30.69 0.40
C ASN A 79 2.71 30.14 0.26
N ASP A 80 3.07 29.66 -0.92
CA ASP A 80 4.41 29.10 -1.11
C ASP A 80 5.36 30.00 -1.88
N MET A 81 5.05 31.29 -1.98
CA MET A 81 5.91 32.22 -2.69
C MET A 81 7.24 32.43 -1.98
N PHE A 82 7.16 32.73 -0.67
CA PHE A 82 8.36 32.96 0.13
C PHE A 82 8.40 32.09 1.38
N ASN A 83 7.25 31.57 1.79
CA ASN A 83 7.17 30.77 3.01
C ASN A 83 7.28 29.26 2.85
N ASN A 84 7.43 28.59 3.98
CA ASN A 84 7.55 27.14 4.02
C ASN A 84 6.23 26.44 3.74
N PHE A 85 6.32 25.20 3.26
CA PHE A 85 5.14 24.41 2.98
C PHE A 85 5.51 22.94 2.84
N THR A 86 4.50 22.09 2.99
CA THR A 86 4.68 20.64 2.88
C THR A 86 3.58 20.08 2.00
N VAL A 87 3.94 19.11 1.17
CA VAL A 87 2.98 18.46 0.30
C VAL A 87 2.97 16.98 0.66
N SER A 88 1.78 16.43 0.87
CA SER A 88 1.65 15.02 1.20
C SER A 88 0.51 14.39 0.42
N PHE A 89 0.64 13.10 0.16
CA PHE A 89 -0.38 12.36 -0.58
C PHE A 89 0.02 10.90 -0.65
N TRP A 90 -0.98 10.02 -0.75
CA TRP A 90 -0.70 8.60 -0.92
C TRP A 90 -0.52 8.47 -2.43
N LEU A 91 0.40 7.60 -2.82
CA LEU A 91 0.68 7.40 -4.23
C LEU A 91 0.77 5.93 -4.57
N ARG A 92 0.30 5.56 -5.75
CA ARG A 92 0.39 4.17 -6.19
C ARG A 92 0.74 4.17 -7.66
N VAL A 93 1.89 3.58 -7.97
CA VAL A 93 2.38 3.49 -9.33
C VAL A 93 2.63 2.02 -9.67
N PRO A 94 2.16 1.59 -10.85
CA PRO A 94 2.36 0.19 -11.25
C PRO A 94 3.85 -0.14 -11.41
N LYS A 95 4.19 -1.40 -11.23
CA LYS A 95 5.59 -1.83 -11.38
C LYS A 95 5.92 -1.69 -12.85
N VAL A 96 6.99 -0.96 -13.16
CA VAL A 96 7.39 -0.78 -14.55
C VAL A 96 8.07 -2.04 -15.09
N SER A 97 7.54 -2.55 -16.19
CA SER A 97 8.10 -3.74 -16.83
C SER A 97 9.51 -3.48 -17.33
N ALA A 98 10.28 -4.55 -17.53
CA ALA A 98 11.64 -4.41 -18.03
C ALA A 98 11.61 -3.71 -19.39
N SER A 99 10.65 -4.08 -20.24
CA SER A 99 10.52 -3.48 -21.55
C SER A 99 10.27 -1.98 -21.47
N HIS A 100 9.33 -1.58 -20.61
CA HIS A 100 9.02 -0.16 -20.46
C HIS A 100 10.15 0.66 -19.81
N LEU A 101 11.00 0.01 -19.04
CA LEU A 101 12.12 0.71 -18.43
C LEU A 101 13.14 1.06 -19.51
N GLU A 102 13.33 0.13 -20.45
CA GLU A 102 14.27 0.33 -21.55
C GLU A 102 13.71 1.34 -22.53
N GLN A 103 12.41 1.21 -22.81
CA GLN A 103 11.73 2.10 -23.76
C GLN A 103 11.42 3.51 -23.25
N TYR A 104 10.94 3.61 -22.00
CA TYR A 104 10.57 4.91 -21.46
C TYR A 104 11.38 5.36 -20.24
N GLY A 105 12.41 4.60 -19.90
CA GLY A 105 13.22 4.93 -18.74
C GLY A 105 13.73 6.36 -18.63
N THR A 106 13.94 7.03 -19.75
CA THR A 106 14.45 8.40 -19.70
C THR A 106 13.37 9.47 -19.87
N ASN A 107 12.12 9.04 -19.98
CA ASN A 107 11.00 9.97 -20.14
C ASN A 107 10.48 10.47 -18.80
N GLU A 108 10.76 11.73 -18.48
CA GLU A 108 10.28 12.30 -17.22
C GLU A 108 8.94 12.97 -17.43
N TYR A 109 7.96 12.57 -16.62
CA TYR A 109 6.63 13.16 -16.73
C TYR A 109 6.12 13.54 -15.35
N SER A 110 5.45 14.68 -15.29
CA SER A 110 4.89 15.17 -14.04
C SER A 110 3.52 14.52 -13.81
N ILE A 111 3.10 14.44 -12.54
CA ILE A 111 1.79 13.90 -12.21
C ILE A 111 1.04 14.93 -11.35
N ILE A 112 1.78 15.76 -10.62
CA ILE A 112 1.20 16.82 -9.80
C ILE A 112 2.11 18.03 -9.97
N SER A 113 1.54 19.18 -10.31
CA SER A 113 2.35 20.37 -10.51
C SER A 113 1.62 21.70 -10.34
N SER A 114 2.39 22.73 -10.00
CA SER A 114 1.85 24.08 -9.85
C SER A 114 2.55 24.98 -10.87
N MET A 115 3.33 24.36 -11.76
CA MET A 115 4.06 25.10 -12.80
C MET A 115 3.20 25.28 -14.05
N LYS A 116 3.18 26.51 -14.56
CA LYS A 116 2.43 26.82 -15.77
C LYS A 116 3.33 26.56 -16.97
N SER A 121 5.70 31.81 -18.46
CA SER A 121 6.33 31.03 -19.57
C SER A 121 7.55 30.27 -19.06
N ILE A 122 8.12 30.73 -17.95
CA ILE A 122 9.31 30.11 -17.35
C ILE A 122 8.94 28.90 -16.48
N GLY A 123 7.67 28.81 -16.09
CA GLY A 123 7.21 27.70 -15.29
C GLY A 123 7.75 27.60 -13.87
N SER A 124 7.64 28.67 -13.10
CA SER A 124 8.10 28.68 -11.73
C SER A 124 7.07 27.90 -10.91
N GLY A 125 7.51 27.32 -9.79
CA GLY A 125 6.60 26.56 -8.95
C GLY A 125 7.20 25.23 -8.55
N TRP A 126 6.35 24.24 -8.27
CA TRP A 126 6.84 22.92 -7.89
C TRP A 126 6.16 21.81 -8.66
N SER A 127 6.80 20.65 -8.67
CA SER A 127 6.24 19.51 -9.36
C SER A 127 6.73 18.19 -8.79
N VAL A 128 5.88 17.19 -8.92
CA VAL A 128 6.17 15.83 -8.51
C VAL A 128 6.19 15.13 -9.86
N SER A 129 7.30 14.49 -10.20
CA SER A 129 7.39 13.79 -11.47
C SER A 129 8.01 12.41 -11.33
N LEU A 130 7.91 11.62 -12.39
CA LEU A 130 8.47 10.27 -12.40
C LEU A 130 9.27 10.08 -13.67
N LYS A 131 10.40 9.37 -13.54
CA LYS A 131 11.26 9.06 -14.67
C LYS A 131 11.75 7.65 -14.43
N GLY A 132 11.16 6.69 -15.12
CA GLY A 132 11.54 5.31 -14.91
C GLY A 132 11.15 5.00 -13.48
N ASN A 133 12.10 4.51 -12.68
CA ASN A 133 11.82 4.18 -11.28
C ASN A 133 12.34 5.24 -10.34
N ASN A 134 12.31 6.49 -10.80
CA ASN A 134 12.74 7.64 -10.00
C ASN A 134 11.56 8.55 -9.69
N LEU A 135 11.45 8.98 -8.44
CA LEU A 135 10.40 9.90 -8.02
C LEU A 135 11.17 11.23 -7.85
N ILE A 136 10.69 12.29 -8.50
CA ILE A 136 11.39 13.56 -8.47
C ILE A 136 10.57 14.75 -7.98
N TRP A 137 11.14 15.52 -7.06
CA TRP A 137 10.52 16.72 -6.52
C TRP A 137 11.32 17.90 -7.08
N THR A 138 10.62 18.85 -7.68
CA THR A 138 11.30 20.01 -8.25
C THR A 138 10.71 21.34 -7.82
N LEU A 139 11.60 22.29 -7.50
CA LEU A 139 11.20 23.64 -7.12
C LEU A 139 11.90 24.59 -8.09
N LYS A 140 11.17 25.55 -8.63
CA LYS A 140 11.77 26.51 -9.55
C LYS A 140 11.29 27.91 -9.18
N ASP A 141 12.23 28.82 -8.93
CA ASP A 141 11.86 30.19 -8.57
C ASP A 141 11.70 31.08 -9.81
N SER A 142 11.33 32.34 -9.58
CA SER A 142 11.11 33.30 -10.66
C SER A 142 12.33 33.60 -11.54
N ALA A 143 13.51 33.25 -11.08
CA ALA A 143 14.71 33.51 -11.86
C ALA A 143 15.10 32.29 -12.70
N GLY A 144 14.32 31.21 -12.58
CA GLY A 144 14.61 30.00 -13.33
C GLY A 144 15.53 29.09 -12.56
N GLU A 145 15.88 29.49 -11.34
CA GLU A 145 16.76 28.73 -10.48
C GLU A 145 16.02 27.46 -10.05
N VAL A 146 16.71 26.32 -10.08
CA VAL A 146 16.09 25.04 -9.73
C VAL A 146 16.78 24.23 -8.64
N ARG A 147 15.97 23.48 -7.89
CA ARG A 147 16.44 22.59 -6.84
C ARG A 147 15.62 21.31 -7.00
N GLN A 148 16.28 20.16 -6.89
CA GLN A 148 15.58 18.89 -7.04
C GLN A 148 16.02 17.82 -6.07
N ILE A 149 15.12 16.87 -5.84
CA ILE A 149 15.42 15.72 -5.01
C ILE A 149 15.05 14.57 -5.93
N THR A 150 16.03 13.72 -6.24
CA THR A 150 15.78 12.58 -7.10
C THR A 150 15.91 11.32 -6.27
N PHE A 151 14.80 10.60 -6.13
CA PHE A 151 14.81 9.35 -5.36
C PHE A 151 14.81 8.15 -6.29
N ARG A 152 15.86 7.34 -6.20
CA ARG A 152 15.97 6.12 -7.00
C ARG A 152 15.39 5.01 -6.15
N ASP A 153 14.33 4.38 -6.67
CA ASP A 153 13.65 3.32 -5.96
C ASP A 153 14.52 2.07 -5.79
N LEU A 154 14.22 1.27 -4.77
CA LEU A 154 14.97 0.05 -4.49
C LEU A 154 14.95 -0.92 -5.67
N PRO A 155 16.05 -1.66 -5.87
CA PRO A 155 16.14 -2.63 -6.97
C PRO A 155 15.17 -3.80 -6.80
N ASP A 156 14.97 -4.20 -5.55
CA ASP A 156 14.08 -5.31 -5.17
C ASP A 156 12.63 -4.80 -5.23
N LYS A 157 11.94 -5.09 -6.32
CA LYS A 157 10.58 -4.61 -6.50
C LYS A 157 9.55 -5.13 -5.52
N PHE A 158 9.86 -6.22 -4.82
CA PHE A 158 8.93 -6.74 -3.82
C PHE A 158 8.87 -5.75 -2.66
N ASN A 159 9.97 -5.05 -2.43
CA ASN A 159 10.04 -4.07 -1.33
C ASN A 159 10.11 -2.62 -1.77
N ALA A 160 10.08 -2.39 -3.09
CA ALA A 160 10.16 -1.05 -3.64
C ALA A 160 8.89 -0.21 -3.39
N TYR A 161 9.04 1.11 -3.49
CA TYR A 161 7.95 2.03 -3.25
C TYR A 161 7.14 2.41 -4.49
N LEU A 162 7.75 2.26 -5.66
CA LEU A 162 7.06 2.58 -6.92
C LEU A 162 6.81 1.27 -7.65
N ALA A 163 6.28 0.29 -6.93
CA ALA A 163 6.03 -1.02 -7.49
C ALA A 163 4.67 -1.60 -7.14
N ASN A 164 3.63 -0.81 -7.41
CA ASN A 164 2.23 -1.20 -7.24
C ASN A 164 1.58 -1.18 -5.86
N LYS A 165 2.28 -0.74 -4.82
CA LYS A 165 1.69 -0.65 -3.48
C LYS A 165 1.35 0.80 -3.13
N TRP A 166 0.32 0.99 -2.32
CA TRP A 166 -0.01 2.33 -1.88
C TRP A 166 1.11 2.74 -0.91
N VAL A 167 1.71 3.91 -1.13
CA VAL A 167 2.76 4.41 -0.23
C VAL A 167 2.45 5.87 0.07
N PHE A 168 2.90 6.34 1.21
CA PHE A 168 2.65 7.71 1.62
C PHE A 168 3.83 8.64 1.37
N ILE A 169 3.60 9.63 0.52
CA ILE A 169 4.64 10.59 0.18
C ILE A 169 4.50 11.87 0.98
N THR A 170 5.63 12.41 1.43
CA THR A 170 5.62 13.66 2.17
C THR A 170 6.87 14.45 1.81
N ILE A 171 6.67 15.67 1.32
CA ILE A 171 7.79 16.53 0.93
C ILE A 171 7.70 17.87 1.65
N THR A 172 8.62 18.09 2.59
CA THR A 172 8.66 19.33 3.35
C THR A 172 9.64 20.31 2.69
N ASN A 173 9.36 21.60 2.82
CA ASN A 173 10.19 22.64 2.22
C ASN A 173 10.46 23.76 3.22
N ASP A 174 11.71 23.84 3.69
CA ASP A 174 12.12 24.87 4.63
C ASP A 174 12.95 25.84 3.81
N ARG A 175 12.38 27.00 3.50
CA ARG A 175 13.07 28.01 2.71
C ARG A 175 14.41 28.46 3.30
N LEU A 176 14.58 28.29 4.60
CA LEU A 176 15.82 28.70 5.25
C LEU A 176 16.83 27.57 5.30
N SER A 177 16.44 26.37 4.88
CA SER A 177 17.37 25.25 4.88
C SER A 177 17.23 24.36 3.66
N SER A 178 16.50 23.25 3.79
CA SER A 178 16.35 22.34 2.67
C SER A 178 14.98 21.72 2.50
N ALA A 179 14.84 20.94 1.44
CA ALA A 179 13.60 20.23 1.13
C ALA A 179 13.90 18.76 1.43
N ASN A 180 12.95 18.09 2.06
CA ASN A 180 13.14 16.69 2.42
C ASN A 180 11.99 15.84 1.90
N LEU A 181 12.33 14.72 1.25
CA LEU A 181 11.34 13.81 0.71
C LEU A 181 11.24 12.57 1.58
N TYR A 182 10.02 12.27 2.02
CA TYR A 182 9.79 11.10 2.87
C TYR A 182 8.80 10.13 2.21
N ILE A 183 8.99 8.85 2.47
CA ILE A 183 8.06 7.84 1.98
C ILE A 183 7.76 7.00 3.21
N ASN A 184 6.48 6.86 3.53
CA ASN A 184 6.06 6.11 4.71
C ASN A 184 6.80 6.58 5.96
N GLY A 185 6.91 7.90 6.11
CA GLY A 185 7.56 8.49 7.26
C GLY A 185 9.07 8.36 7.34
N VAL A 186 9.68 7.75 6.34
CA VAL A 186 11.14 7.59 6.34
C VAL A 186 11.81 8.53 5.34
N LEU A 187 12.86 9.23 5.79
CA LEU A 187 13.58 10.17 4.93
C LEU A 187 14.30 9.43 3.80
N MET A 188 13.96 9.78 2.57
CA MET A 188 14.57 9.13 1.40
C MET A 188 15.46 10.07 0.59
N GLY A 189 15.24 11.37 0.72
CA GLY A 189 16.04 12.31 -0.04
C GLY A 189 15.96 13.72 0.51
N SER A 190 16.93 14.55 0.12
CA SER A 190 16.98 15.92 0.60
C SER A 190 17.82 16.80 -0.31
N ALA A 191 17.57 18.10 -0.27
CA ALA A 191 18.32 19.06 -1.09
C ALA A 191 18.20 20.45 -0.47
N GLU A 192 19.34 21.11 -0.30
CA GLU A 192 19.35 22.46 0.27
C GLU A 192 18.65 23.35 -0.73
N ILE A 193 17.76 24.23 -0.26
CA ILE A 193 17.02 25.08 -1.16
C ILE A 193 17.20 26.57 -0.91
N THR A 194 18.20 26.93 -0.12
CA THR A 194 18.48 28.34 0.15
C THR A 194 19.03 28.93 -1.14
N GLY A 195 18.75 30.20 -1.38
CA GLY A 195 19.25 30.82 -2.60
C GLY A 195 18.16 30.89 -3.65
N LEU A 196 16.98 30.42 -3.29
CA LEU A 196 15.85 30.46 -4.21
C LEU A 196 15.09 31.75 -3.94
N GLY A 197 14.65 32.40 -5.00
CA GLY A 197 13.90 33.64 -4.83
C GLY A 197 12.43 33.32 -4.67
N ALA A 198 11.58 34.21 -5.16
CA ALA A 198 10.14 34.02 -5.06
C ALA A 198 9.69 32.85 -5.93
N ILE A 199 8.72 32.09 -5.43
CA ILE A 199 8.18 30.98 -6.19
C ILE A 199 6.84 31.47 -6.70
N ARG A 200 6.80 31.80 -7.99
CA ARG A 200 5.59 32.31 -8.62
C ARG A 200 4.97 31.22 -9.49
N GLU A 201 4.16 30.40 -8.86
CA GLU A 201 3.48 29.28 -9.51
C GLU A 201 2.15 29.65 -10.12
N ASP A 202 1.55 28.70 -10.82
CA ASP A 202 0.26 28.90 -11.47
C ASP A 202 -0.84 28.99 -10.39
N ASN A 203 -1.96 29.59 -10.75
CA ASN A 203 -3.07 29.74 -9.85
C ASN A 203 -3.73 28.37 -9.61
N ASN A 204 -3.36 27.39 -10.44
CA ASN A 204 -3.90 26.04 -10.33
C ASN A 204 -2.87 24.96 -10.04
N ILE A 205 -3.30 23.95 -9.29
CA ILE A 205 -2.47 22.80 -8.98
C ILE A 205 -3.08 21.70 -9.85
N THR A 206 -2.30 21.17 -10.78
CA THR A 206 -2.79 20.18 -11.72
C THR A 206 -2.35 18.74 -11.47
N LEU A 207 -3.32 17.85 -11.31
CA LEU A 207 -3.05 16.44 -11.13
C LEU A 207 -3.34 15.83 -12.50
N LYS A 208 -2.28 15.46 -13.20
CA LYS A 208 -2.42 14.90 -14.55
C LYS A 208 -1.07 14.40 -15.06
N LEU A 209 -1.08 13.39 -15.91
CA LEU A 209 0.16 12.88 -16.48
C LEU A 209 0.54 13.86 -17.59
N ASP A 210 1.64 14.59 -17.38
CA ASP A 210 2.08 15.57 -18.37
C ASP A 210 3.38 15.16 -19.04
N ARG A 211 3.33 14.99 -20.35
CA ARG A 211 4.49 14.61 -21.16
C ARG A 211 4.94 13.16 -20.99
N CYS A 212 3.99 12.28 -20.67
CA CYS A 212 4.32 10.86 -20.51
C CYS A 212 4.14 10.19 -21.87
N ASN A 213 5.22 9.60 -22.39
CA ASN A 213 5.19 8.95 -23.69
C ASN A 213 4.59 7.54 -23.71
N ASN A 214 4.39 6.96 -22.53
CA ASN A 214 3.81 5.62 -22.41
C ASN A 214 2.30 5.75 -22.29
N ASN A 215 1.59 5.43 -23.38
CA ASN A 215 0.14 5.54 -23.38
C ASN A 215 -0.59 4.66 -22.38
N ASN A 216 0.06 3.60 -21.90
CA ASN A 216 -0.60 2.72 -20.94
C ASN A 216 -0.23 3.04 -19.50
N GLN A 217 0.53 4.12 -19.31
CA GLN A 217 0.93 4.52 -17.97
C GLN A 217 -0.26 5.10 -17.21
N TYR A 218 -0.28 4.87 -15.89
CA TYR A 218 -1.33 5.40 -15.03
C TYR A 218 -0.79 5.50 -13.61
N VAL A 219 -1.45 6.31 -12.79
CA VAL A 219 -1.06 6.45 -11.39
C VAL A 219 -2.32 6.67 -10.57
N SER A 220 -2.20 6.47 -9.27
CA SER A 220 -3.31 6.68 -8.34
C SER A 220 -2.80 7.61 -7.25
N ILE A 221 -3.62 8.60 -6.90
CA ILE A 221 -3.26 9.60 -5.90
C ILE A 221 -4.39 9.76 -4.90
N ASP A 222 -4.05 9.83 -3.62
CA ASP A 222 -5.08 9.95 -2.61
C ASP A 222 -4.68 10.93 -1.51
N LYS A 223 -5.69 11.53 -0.88
CA LYS A 223 -5.50 12.48 0.22
C LYS A 223 -4.50 13.60 -0.08
N PHE A 224 -4.50 14.13 -1.31
CA PHE A 224 -3.57 15.20 -1.64
C PHE A 224 -3.75 16.31 -0.61
N ARG A 225 -2.65 16.77 -0.04
CA ARG A 225 -2.74 17.77 1.01
C ARG A 225 -1.54 18.71 1.06
N ILE A 226 -1.77 19.96 1.43
CA ILE A 226 -0.69 20.93 1.55
C ILE A 226 -0.73 21.62 2.91
N PHE A 227 0.45 21.79 3.51
CA PHE A 227 0.55 22.44 4.83
C PHE A 227 1.36 23.73 4.67
N CYS A 228 1.10 24.70 5.54
CA CYS A 228 1.83 25.96 5.44
C CYS A 228 3.06 26.01 6.35
N LYS A 229 3.66 24.85 6.57
CA LYS A 229 4.86 24.75 7.38
C LYS A 229 5.65 23.53 6.94
N ALA A 230 6.92 23.50 7.32
CA ALA A 230 7.76 22.35 7.01
C ALA A 230 7.58 21.41 8.19
N LEU A 231 6.80 20.35 7.99
CA LEU A 231 6.56 19.38 9.06
C LEU A 231 7.84 18.68 9.51
N ASN A 232 7.94 18.39 10.81
CA ASN A 232 9.10 17.71 11.35
C ASN A 232 8.80 16.21 11.37
N PRO A 233 9.84 15.36 11.49
CA PRO A 233 9.65 13.91 11.50
C PRO A 233 8.52 13.39 12.39
N LYS A 234 8.39 13.91 13.61
CA LYS A 234 7.33 13.46 14.52
C LYS A 234 5.95 13.73 13.94
N GLU A 235 5.77 14.91 13.37
CA GLU A 235 4.50 15.28 12.78
C GLU A 235 4.22 14.39 11.56
N ILE A 236 5.25 14.13 10.76
CA ILE A 236 5.08 13.28 9.58
C ILE A 236 4.70 11.86 9.98
N GLU A 237 5.27 11.37 11.07
CA GLU A 237 4.95 10.02 11.55
C GLU A 237 3.48 9.94 11.94
N LYS A 238 3.00 10.96 12.66
CA LYS A 238 1.61 11.02 13.12
C LYS A 238 0.67 11.16 11.92
N LEU A 239 1.09 11.97 10.95
CA LEU A 239 0.30 12.19 9.74
C LEU A 239 0.10 10.85 9.03
N TYR A 240 1.21 10.22 8.73
CA TYR A 240 1.24 8.94 8.04
C TYR A 240 0.37 7.87 8.70
N THR A 241 0.64 7.56 9.96
CA THR A 241 -0.13 6.53 10.67
C THR A 241 -1.59 6.90 10.92
N SER A 242 -1.92 8.18 10.79
CA SER A 242 -3.31 8.62 11.03
C SER A 242 -4.24 8.09 9.94
N TYR A 243 -3.67 7.71 8.79
CA TYR A 243 -4.48 7.20 7.69
C TYR A 243 -4.71 5.69 7.75
N LEU A 244 -3.89 4.99 8.52
CA LEU A 244 -4.01 3.54 8.62
C LEU A 244 -5.17 3.03 9.48
N SER A 245 -6.40 3.30 9.06
CA SER A 245 -7.59 2.87 9.79
C SER A 245 -7.58 1.36 9.98
N ILE A 246 -7.32 0.94 11.21
CA ILE A 246 -7.21 -0.47 11.59
C ILE A 246 -8.46 -1.36 11.55
N THR A 247 -9.60 -0.82 11.14
CA THR A 247 -10.82 -1.63 11.11
C THR A 247 -11.04 -2.40 9.80
N PHE A 248 -10.45 -1.91 8.71
CA PHE A 248 -10.59 -2.58 7.44
C PHE A 248 -9.26 -3.19 7.04
N LEU A 249 -9.28 -4.48 6.74
CA LEU A 249 -8.06 -5.19 6.34
C LEU A 249 -7.66 -4.81 4.92
N ARG A 250 -6.37 -4.96 4.60
CA ARG A 250 -5.90 -4.62 3.27
C ARG A 250 -5.14 -5.76 2.62
N ASP A 251 -5.10 -5.76 1.29
CA ASP A 251 -4.36 -6.78 0.56
C ASP A 251 -2.91 -6.31 0.41
N PHE A 252 -2.10 -7.11 -0.26
CA PHE A 252 -0.68 -6.80 -0.46
C PHE A 252 -0.42 -5.42 -1.05
N TRP A 253 -1.33 -4.95 -1.91
CA TRP A 253 -1.18 -3.66 -2.56
C TRP A 253 -1.63 -2.47 -1.71
N GLY A 254 -2.33 -2.74 -0.61
CA GLY A 254 -2.80 -1.65 0.23
C GLY A 254 -4.26 -1.32 0.02
N ASN A 255 -4.91 -2.07 -0.87
CA ASN A 255 -6.34 -1.87 -1.12
C ASN A 255 -7.13 -2.73 -0.14
N PRO A 256 -8.45 -2.47 -0.03
CA PRO A 256 -9.29 -3.24 0.89
C PRO A 256 -9.30 -4.75 0.58
N LEU A 257 -9.21 -5.57 1.62
CA LEU A 257 -9.27 -7.01 1.45
C LEU A 257 -10.73 -7.29 1.08
N ARG A 258 -10.97 -8.22 0.17
CA ARG A 258 -12.34 -8.52 -0.26
C ARG A 258 -12.73 -9.98 -0.13
N TYR A 259 -14.03 -10.20 0.03
CA TYR A 259 -14.57 -11.54 0.12
C TYR A 259 -14.67 -12.08 -1.31
N ASP A 260 -14.80 -13.40 -1.43
CA ASP A 260 -14.96 -14.05 -2.73
C ASP A 260 -13.94 -13.64 -3.79
N THR A 261 -12.70 -13.42 -3.36
CA THR A 261 -11.62 -13.01 -4.25
C THR A 261 -10.41 -13.92 -4.07
N GLU A 262 -9.78 -14.31 -5.17
CA GLU A 262 -8.61 -15.18 -5.10
C GLU A 262 -7.38 -14.40 -4.65
N TYR A 263 -6.65 -14.98 -3.69
CA TYR A 263 -5.45 -14.37 -3.15
C TYR A 263 -4.36 -15.42 -2.99
N TYR A 264 -3.12 -15.02 -3.27
CA TYR A 264 -1.98 -15.90 -3.08
C TYR A 264 -1.46 -15.48 -1.71
N LEU A 265 -1.13 -16.44 -0.86
CA LEU A 265 -0.62 -16.10 0.47
C LEU A 265 0.90 -16.15 0.55
N ILE A 266 1.48 -15.13 1.17
CA ILE A 266 2.91 -15.05 1.37
C ILE A 266 3.19 -14.67 2.82
N PRO A 267 4.01 -15.45 3.54
CA PRO A 267 4.32 -15.14 4.94
C PRO A 267 5.28 -13.95 5.00
N VAL A 268 4.87 -12.91 5.72
CA VAL A 268 5.69 -11.71 5.87
C VAL A 268 7.10 -12.03 6.37
N ALA A 269 7.19 -12.98 7.30
CA ALA A 269 8.47 -13.37 7.89
C ALA A 269 9.41 -14.16 6.97
N SER A 270 8.89 -14.64 5.84
CA SER A 270 9.70 -15.38 4.86
C SER A 270 9.07 -15.07 3.51
N SER A 271 9.15 -13.80 3.12
CA SER A 271 8.55 -13.32 1.89
C SER A 271 9.00 -13.96 0.57
N SER A 272 10.05 -14.77 0.62
CA SER A 272 10.53 -15.44 -0.57
C SER A 272 9.87 -16.80 -0.73
N LYS A 273 8.90 -17.09 0.13
CA LYS A 273 8.21 -18.38 0.10
C LYS A 273 6.76 -18.32 -0.36
N ASP A 274 6.34 -19.33 -1.13
CA ASP A 274 4.97 -19.44 -1.58
C ASP A 274 4.37 -20.59 -0.79
N VAL A 275 3.05 -20.76 -0.87
CA VAL A 275 2.38 -21.85 -0.17
C VAL A 275 2.00 -22.94 -1.17
N GLN A 276 2.27 -24.19 -0.81
CA GLN A 276 1.97 -25.33 -1.66
C GLN A 276 1.12 -26.36 -0.91
N LEU A 277 0.47 -27.26 -1.65
CA LEU A 277 -0.36 -28.29 -1.03
C LEU A 277 0.21 -29.68 -1.23
N LYS A 278 0.23 -30.49 -0.17
CA LYS A 278 0.72 -31.86 -0.25
C LYS A 278 -0.27 -32.71 -1.07
N ASN A 279 -1.53 -32.71 -0.63
CA ASN A 279 -2.60 -33.45 -1.29
C ASN A 279 -3.93 -32.98 -0.70
N ILE A 280 -5.01 -33.23 -1.43
CA ILE A 280 -6.33 -32.89 -0.93
C ILE A 280 -6.48 -33.69 0.37
N THR A 281 -7.10 -33.09 1.37
CA THR A 281 -7.31 -33.66 2.70
C THR A 281 -6.04 -33.54 3.54
N ASP A 282 -4.91 -33.24 2.89
CA ASP A 282 -3.64 -33.13 3.62
C ASP A 282 -3.17 -31.72 3.96
N TYR A 283 -1.89 -31.61 4.32
CA TYR A 283 -1.31 -30.34 4.73
C TYR A 283 -0.71 -29.44 3.65
N MET A 284 -0.39 -28.22 4.06
CA MET A 284 0.20 -27.21 3.19
C MET A 284 1.58 -26.87 3.73
N TYR A 285 2.48 -26.42 2.85
CA TYR A 285 3.83 -26.09 3.26
C TYR A 285 4.45 -25.01 2.36
N LEU A 286 5.57 -24.44 2.80
CA LEU A 286 6.24 -23.40 2.04
C LEU A 286 7.26 -23.94 1.05
N THR A 287 7.42 -23.24 -0.07
CA THR A 287 8.37 -23.60 -1.11
C THR A 287 8.98 -22.29 -1.59
N ASN A 288 10.21 -22.34 -2.11
CA ASN A 288 10.84 -21.12 -2.59
C ASN A 288 10.19 -20.65 -3.87
N ALA A 289 9.83 -19.37 -3.92
CA ALA A 289 9.21 -18.82 -5.11
C ALA A 289 10.28 -18.57 -6.16
N PRO A 290 9.93 -18.76 -7.45
CA PRO A 290 10.94 -18.51 -8.48
C PRO A 290 11.21 -17.01 -8.47
N SER A 291 12.33 -16.59 -9.02
CA SER A 291 12.63 -15.16 -9.02
C SER A 291 13.02 -14.62 -10.40
N TYR A 292 12.98 -13.30 -10.51
CA TYR A 292 13.34 -12.61 -11.75
C TYR A 292 14.49 -11.66 -11.45
N THR A 293 15.50 -11.64 -12.30
CA THR A 293 16.63 -10.74 -12.13
C THR A 293 17.07 -10.18 -13.47
N ASN A 294 17.46 -8.91 -13.47
CA ASN A 294 17.94 -8.25 -14.68
C ASN A 294 19.12 -7.38 -14.31
N GLY A 295 20.33 -7.90 -14.57
CA GLY A 295 21.54 -7.16 -14.25
C GLY A 295 21.66 -5.83 -14.95
N LYS A 296 21.31 -5.80 -16.24
CA LYS A 296 21.38 -4.58 -17.02
C LYS A 296 20.61 -3.43 -16.38
N LEU A 297 19.35 -3.69 -16.03
CA LEU A 297 18.50 -2.66 -15.43
C LEU A 297 18.65 -2.58 -13.90
N ASN A 298 19.37 -3.53 -13.33
CA ASN A 298 19.56 -3.61 -11.88
C ASN A 298 18.23 -3.66 -11.14
N ILE A 299 17.41 -4.62 -11.53
CA ILE A 299 16.13 -4.81 -10.86
C ILE A 299 15.96 -6.30 -10.69
N TYR A 300 15.18 -6.68 -9.69
CA TYR A 300 14.92 -8.08 -9.43
C TYR A 300 13.79 -8.19 -8.42
N TYR A 301 13.17 -9.36 -8.37
CA TYR A 301 12.10 -9.60 -7.43
C TYR A 301 11.67 -11.05 -7.49
N ARG A 302 11.15 -11.52 -6.36
CA ARG A 302 10.64 -12.87 -6.30
C ARG A 302 9.38 -12.74 -7.15
N ARG A 303 9.15 -13.69 -8.06
CA ARG A 303 7.98 -13.64 -8.92
C ARG A 303 6.70 -13.90 -8.14
N LEU A 304 5.60 -13.31 -8.58
CA LEU A 304 4.33 -13.47 -7.89
C LEU A 304 3.37 -14.37 -8.67
N TYR A 305 2.26 -14.70 -8.02
CA TYR A 305 1.19 -15.49 -8.60
C TYR A 305 1.42 -17.00 -8.75
N ASN A 306 2.33 -17.55 -7.94
CA ASN A 306 2.61 -18.98 -7.94
C ASN A 306 2.15 -19.47 -6.58
N GLY A 307 1.77 -20.74 -6.47
CA GLY A 307 1.32 -21.23 -5.19
C GLY A 307 -0.18 -21.37 -5.14
N LEU A 308 -0.72 -21.70 -3.97
CA LEU A 308 -2.16 -21.90 -3.82
C LEU A 308 -2.98 -20.61 -3.88
N LYS A 309 -4.19 -20.73 -4.39
CA LYS A 309 -5.12 -19.60 -4.47
C LYS A 309 -6.10 -19.79 -3.31
N PHE A 310 -6.21 -18.79 -2.44
CA PHE A 310 -7.13 -18.86 -1.31
C PHE A 310 -8.32 -17.92 -1.54
N ILE A 311 -9.48 -18.28 -1.00
CA ILE A 311 -10.69 -17.46 -1.12
C ILE A 311 -11.29 -17.29 0.27
N ILE A 312 -11.64 -16.04 0.61
CA ILE A 312 -12.24 -15.73 1.89
C ILE A 312 -13.76 -15.63 1.74
N LYS A 313 -14.48 -16.37 2.57
CA LYS A 313 -15.94 -16.34 2.54
C LYS A 313 -16.52 -15.92 3.89
N ARG A 314 -17.70 -15.31 3.87
CA ARG A 314 -18.37 -14.87 5.10
C ARG A 314 -18.84 -16.08 5.90
N TYR A 315 -18.53 -16.10 7.19
CA TYR A 315 -18.94 -17.21 8.04
C TYR A 315 -20.47 -17.12 8.24
N THR A 316 -20.94 -15.89 8.33
CA THR A 316 -22.37 -15.59 8.47
C THR A 316 -22.53 -14.25 7.76
N PRO A 317 -23.76 -13.94 7.28
CA PRO A 317 -23.97 -12.68 6.58
C PRO A 317 -23.55 -11.43 7.36
N ASN A 318 -22.71 -10.61 6.74
CA ASN A 318 -22.23 -9.39 7.35
C ASN A 318 -23.12 -8.20 6.96
N ASN A 319 -22.99 -7.10 7.71
CA ASN A 319 -23.77 -5.88 7.49
C ASN A 319 -24.79 -6.02 6.36
N GLU A 320 -24.41 -5.54 5.18
CA GLU A 320 -25.27 -5.61 4.00
C GLU A 320 -24.44 -6.21 2.89
N ILE A 321 -23.88 -7.38 3.17
CA ILE A 321 -23.04 -8.07 2.22
C ILE A 321 -21.88 -7.16 1.78
N ASP A 322 -21.29 -6.43 2.73
CA ASP A 322 -20.16 -5.57 2.39
C ASP A 322 -19.14 -6.44 1.67
N SER A 323 -18.55 -5.93 0.60
CA SER A 323 -17.56 -6.69 -0.15
C SER A 323 -16.19 -6.72 0.53
N PHE A 324 -15.94 -5.75 1.41
CA PHE A 324 -14.66 -5.68 2.10
C PHE A 324 -14.66 -6.44 3.41
N VAL A 325 -13.49 -6.98 3.76
CA VAL A 325 -13.33 -7.76 4.99
C VAL A 325 -12.88 -6.85 6.14
N LYS A 326 -13.65 -6.85 7.22
CA LYS A 326 -13.32 -6.04 8.39
C LYS A 326 -12.57 -6.86 9.43
N SER A 327 -11.69 -6.19 10.17
CA SER A 327 -10.93 -6.86 11.23
C SER A 327 -11.97 -7.33 12.24
N GLY A 328 -11.90 -8.58 12.66
CA GLY A 328 -12.86 -9.09 13.61
C GLY A 328 -13.95 -9.91 12.92
N ASP A 329 -13.93 -9.91 11.59
CA ASP A 329 -14.91 -10.66 10.80
C ASP A 329 -14.61 -12.14 10.88
N PHE A 330 -15.66 -12.95 11.02
CA PHE A 330 -15.50 -14.40 11.06
C PHE A 330 -15.65 -14.87 9.62
N ILE A 331 -14.77 -15.77 9.20
CA ILE A 331 -14.78 -16.23 7.83
C ILE A 331 -14.50 -17.73 7.74
N LYS A 332 -14.55 -18.21 6.50
CA LYS A 332 -14.23 -19.59 6.17
C LYS A 332 -13.19 -19.40 5.08
N LEU A 333 -12.04 -20.05 5.24
CA LEU A 333 -10.96 -19.95 4.28
C LEU A 333 -10.96 -21.16 3.36
N TYR A 334 -10.92 -20.91 2.05
CA TYR A 334 -10.89 -22.00 1.09
C TYR A 334 -9.70 -21.93 0.17
N VAL A 335 -9.31 -23.09 -0.33
CA VAL A 335 -8.21 -23.17 -1.30
C VAL A 335 -8.92 -23.54 -2.60
N SER A 336 -8.62 -22.82 -3.67
CA SER A 336 -9.22 -23.11 -4.98
C SER A 336 -8.22 -23.92 -5.77
N TYR A 337 -8.45 -25.23 -5.80
CA TYR A 337 -7.54 -26.16 -6.48
C TYR A 337 -8.26 -26.90 -7.62
N ASN A 338 -7.68 -26.84 -8.82
CA ASN A 338 -8.27 -27.48 -9.99
C ASN A 338 -9.75 -27.14 -10.12
N ASN A 339 -10.07 -25.87 -9.90
CA ASN A 339 -11.44 -25.38 -10.01
C ASN A 339 -12.37 -25.86 -8.88
N ASN A 340 -11.87 -26.71 -7.98
CA ASN A 340 -12.68 -27.18 -6.87
C ASN A 340 -12.27 -26.42 -5.61
N GLU A 341 -13.24 -26.05 -4.77
CA GLU A 341 -12.94 -25.33 -3.55
C GLU A 341 -12.92 -26.31 -2.36
N HIS A 342 -11.89 -26.19 -1.52
CA HIS A 342 -11.74 -27.04 -0.36
C HIS A 342 -11.49 -26.18 0.88
N ILE A 343 -12.31 -26.37 1.90
CA ILE A 343 -12.17 -25.58 3.12
C ILE A 343 -10.91 -25.89 3.90
N VAL A 344 -10.35 -24.86 4.52
CA VAL A 344 -9.14 -25.00 5.32
C VAL A 344 -9.57 -25.13 6.78
N GLY A 345 -9.03 -26.11 7.49
CA GLY A 345 -9.40 -26.27 8.88
C GLY A 345 -8.53 -27.26 9.62
N TYR A 346 -8.89 -27.54 10.87
CA TYR A 346 -8.13 -28.50 11.68
C TYR A 346 -9.12 -29.53 12.21
N PRO A 347 -8.89 -30.81 11.89
CA PRO A 347 -9.79 -31.87 12.35
C PRO A 347 -9.52 -32.23 13.81
N LYS A 348 -10.58 -32.60 14.52
CA LYS A 348 -10.45 -32.99 15.92
C LYS A 348 -9.40 -34.08 16.03
N ASP A 349 -8.49 -33.91 16.98
CA ASP A 349 -7.40 -34.86 17.22
C ASP A 349 -6.45 -35.00 16.04
N GLY A 350 -6.51 -34.06 15.10
CA GLY A 350 -5.63 -34.13 13.95
C GLY A 350 -4.17 -34.04 14.36
N ASN A 351 -3.28 -34.55 13.50
CA ASN A 351 -1.85 -34.52 13.79
C ASN A 351 -1.45 -33.08 14.10
N ALA A 352 -0.58 -32.93 15.09
CA ALA A 352 -0.10 -31.61 15.51
C ALA A 352 1.29 -31.79 16.10
N PHE A 353 2.12 -30.76 15.97
CA PHE A 353 3.46 -30.83 16.52
C PHE A 353 3.43 -30.62 18.03
N ASN A 354 3.82 -31.67 18.76
CA ASN A 354 3.83 -31.62 20.21
C ASN A 354 2.48 -31.17 20.77
N ASN A 355 1.41 -31.64 20.15
CA ASN A 355 0.02 -31.32 20.55
C ASN A 355 -0.29 -29.85 20.76
N LEU A 356 0.50 -28.97 20.15
CA LEU A 356 0.29 -27.54 20.31
C LEU A 356 0.12 -26.80 19.00
N ASP A 357 0.91 -27.19 18.00
CA ASP A 357 0.85 -26.55 16.70
C ASP A 357 0.04 -27.45 15.77
N ARG A 358 -1.24 -27.13 15.67
CA ARG A 358 -2.21 -27.88 14.87
C ARG A 358 -1.98 -27.74 13.38
N ILE A 359 -1.74 -28.87 12.72
CA ILE A 359 -1.49 -28.87 11.29
C ILE A 359 -2.78 -28.67 10.51
N LEU A 360 -2.82 -27.60 9.73
CA LEU A 360 -4.00 -27.29 8.92
C LEU A 360 -4.18 -28.33 7.83
N ARG A 361 -5.43 -28.55 7.43
CA ARG A 361 -5.76 -29.53 6.41
C ARG A 361 -6.67 -28.89 5.35
N VAL A 362 -6.50 -29.31 4.10
CA VAL A 362 -7.29 -28.77 2.99
C VAL A 362 -8.26 -29.79 2.42
N GLY A 363 -9.54 -29.56 2.62
CA GLY A 363 -10.54 -30.48 2.10
C GLY A 363 -10.58 -31.80 2.86
N TYR A 364 -10.29 -31.74 4.17
CA TYR A 364 -10.32 -32.93 5.01
C TYR A 364 -11.79 -33.33 5.12
N ASN A 365 -12.07 -34.62 4.98
CA ASN A 365 -13.46 -35.07 5.02
C ASN A 365 -13.70 -36.44 5.62
N ALA A 366 -12.89 -36.83 6.60
CA ALA A 366 -13.07 -38.13 7.25
C ALA A 366 -14.44 -38.12 7.92
N PRO A 367 -15.31 -39.08 7.58
CA PRO A 367 -16.64 -39.12 8.19
C PRO A 367 -16.63 -39.25 9.72
N GLY A 368 -17.58 -38.58 10.37
CA GLY A 368 -17.67 -38.64 11.82
C GLY A 368 -16.61 -37.86 12.59
N ILE A 369 -15.68 -37.24 11.89
CA ILE A 369 -14.64 -36.46 12.57
C ILE A 369 -14.89 -34.97 12.36
N PRO A 370 -15.23 -34.25 13.44
CA PRO A 370 -15.48 -32.81 13.32
C PRO A 370 -14.27 -32.03 12.80
N LEU A 371 -14.53 -31.10 11.89
CA LEU A 371 -13.49 -30.27 11.30
C LEU A 371 -13.72 -28.82 11.71
N TYR A 372 -12.77 -28.25 12.43
CA TYR A 372 -12.88 -26.87 12.89
C TYR A 372 -12.39 -25.96 11.77
N LYS A 373 -13.28 -25.10 11.29
CA LYS A 373 -13.01 -24.22 10.17
C LYS A 373 -13.34 -22.75 10.42
N LYS A 374 -13.99 -22.44 11.52
CA LYS A 374 -14.35 -21.07 11.82
C LYS A 374 -13.09 -20.25 12.12
N MET A 375 -12.86 -19.22 11.32
CA MET A 375 -11.71 -18.35 11.52
C MET A 375 -12.15 -16.92 11.70
N GLU A 376 -11.22 -16.10 12.18
CA GLU A 376 -11.48 -14.69 12.38
C GLU A 376 -10.35 -13.94 11.70
N ALA A 377 -10.70 -13.03 10.80
CA ALA A 377 -9.69 -12.23 10.09
C ALA A 377 -9.45 -11.00 10.98
N VAL A 378 -8.21 -10.84 11.45
CA VAL A 378 -7.89 -9.73 12.35
C VAL A 378 -6.57 -9.02 12.05
N LYS A 379 -6.44 -7.83 12.62
CA LYS A 379 -5.23 -7.02 12.48
C LYS A 379 -4.79 -6.75 13.93
N LEU A 380 -3.86 -7.57 14.41
CA LEU A 380 -3.36 -7.49 15.77
C LEU A 380 -1.97 -6.86 15.91
N ARG A 381 -1.28 -6.65 14.80
CA ARG A 381 0.07 -6.09 14.87
C ARG A 381 0.58 -5.55 13.55
N ASP A 382 1.70 -4.83 13.62
CA ASP A 382 2.36 -4.25 12.46
C ASP A 382 1.44 -3.40 11.58
N LEU A 383 0.96 -2.30 12.15
CA LEU A 383 0.05 -1.37 11.49
C LEU A 383 0.48 -0.89 10.10
N LYS A 384 1.77 -0.62 9.94
CA LYS A 384 2.30 -0.12 8.66
C LYS A 384 2.40 -1.15 7.54
N THR A 385 2.28 -2.42 7.89
CA THR A 385 2.40 -3.48 6.89
C THR A 385 1.03 -3.97 6.43
N TYR A 386 0.89 -4.21 5.13
CA TYR A 386 -0.36 -4.70 4.59
C TYR A 386 -0.45 -6.22 4.78
N SER A 387 -0.52 -6.64 6.04
CA SER A 387 -0.60 -8.05 6.38
C SER A 387 -1.82 -8.33 7.24
N VAL A 388 -2.18 -9.61 7.33
CA VAL A 388 -3.34 -10.03 8.10
C VAL A 388 -3.00 -11.23 8.98
N GLN A 389 -3.73 -11.39 10.08
CA GLN A 389 -3.54 -12.55 10.94
C GLN A 389 -4.86 -13.31 10.84
N LEU A 390 -4.80 -14.62 11.07
CA LEU A 390 -5.99 -15.46 11.00
C LEU A 390 -6.05 -16.34 12.24
N LYS A 391 -7.15 -16.22 12.98
CA LYS A 391 -7.37 -16.99 14.20
C LYS A 391 -8.39 -18.10 13.96
N LEU A 392 -8.01 -19.32 14.32
CA LEU A 392 -8.88 -20.48 14.15
C LEU A 392 -9.55 -20.82 15.49
N TYR A 393 -10.82 -21.22 15.42
CA TYR A 393 -11.60 -21.58 16.60
C TYR A 393 -12.12 -23.01 16.54
N ASP A 394 -12.34 -23.64 17.70
CA ASP A 394 -12.88 -24.98 17.70
C ASP A 394 -14.39 -24.82 17.80
N ASP A 395 -15.12 -25.91 18.03
CA ASP A 395 -16.58 -25.85 18.13
C ASP A 395 -17.12 -25.18 19.40
N LYS A 396 -16.27 -24.99 20.41
CA LYS A 396 -16.72 -24.35 21.66
C LYS A 396 -16.32 -22.88 21.64
N ASN A 397 -15.79 -22.43 20.50
CA ASN A 397 -15.34 -21.06 20.31
C ASN A 397 -14.05 -20.75 21.07
N ALA A 398 -13.31 -21.80 21.42
CA ALA A 398 -12.03 -21.62 22.10
C ALA A 398 -10.99 -21.42 21.01
N SER A 399 -9.92 -20.68 21.31
CA SER A 399 -8.88 -20.44 20.32
C SER A 399 -7.97 -21.63 20.03
N LEU A 400 -7.83 -21.95 18.75
CA LEU A 400 -6.94 -23.03 18.32
C LEU A 400 -5.62 -22.41 17.87
N GLY A 401 -5.58 -21.08 17.91
CA GLY A 401 -4.37 -20.36 17.56
C GLY A 401 -4.43 -19.52 16.30
N LEU A 402 -3.32 -18.84 16.02
CA LEU A 402 -3.18 -18.01 14.83
C LEU A 402 -2.49 -18.86 13.77
N VAL A 403 -2.88 -18.65 12.51
CA VAL A 403 -2.27 -19.39 11.43
C VAL A 403 -0.83 -18.94 11.22
N GLY A 404 0.07 -19.92 11.20
CA GLY A 404 1.48 -19.63 10.99
C GLY A 404 2.13 -20.84 10.37
N THR A 405 3.42 -21.05 10.64
CA THR A 405 4.11 -22.23 10.13
C THR A 405 5.01 -22.82 11.21
N HIS A 406 5.30 -24.11 11.10
CA HIS A 406 6.17 -24.79 12.05
C HIS A 406 7.12 -25.68 11.25
N ASN A 407 8.39 -25.66 11.62
CA ASN A 407 9.37 -26.48 10.91
C ASN A 407 9.41 -27.90 11.47
N GLY A 408 9.39 -28.88 10.57
CA GLY A 408 9.43 -30.27 10.99
C GLY A 408 9.02 -31.19 9.86
N GLN A 409 8.63 -32.42 10.19
CA GLN A 409 8.21 -33.33 9.13
C GLN A 409 7.04 -34.22 9.51
N ILE A 410 6.36 -34.68 8.46
CA ILE A 410 5.21 -35.55 8.59
C ILE A 410 5.55 -36.88 7.95
N GLY A 411 5.54 -37.94 8.74
CA GLY A 411 5.87 -39.26 8.22
C GLY A 411 7.28 -39.25 7.65
N ASN A 412 7.43 -39.70 6.42
CA ASN A 412 8.73 -39.72 5.77
C ASN A 412 8.94 -38.57 4.78
N ASP A 413 8.06 -37.58 4.81
CA ASP A 413 8.20 -36.43 3.92
C ASP A 413 9.42 -35.60 4.33
N PRO A 414 9.94 -34.79 3.39
CA PRO A 414 11.10 -33.95 3.67
C PRO A 414 10.77 -32.91 4.75
N ASN A 415 11.80 -32.40 5.42
CA ASN A 415 11.59 -31.38 6.44
C ASN A 415 10.94 -30.20 5.72
N ARG A 416 9.89 -29.65 6.32
CA ARG A 416 9.18 -28.54 5.70
C ARG A 416 8.62 -27.55 6.72
N ASP A 417 8.33 -26.34 6.25
CA ASP A 417 7.72 -25.31 7.09
C ASP A 417 6.24 -25.50 6.78
N ILE A 418 5.59 -26.22 7.67
CA ILE A 418 4.20 -26.60 7.55
C ILE A 418 3.18 -25.63 8.17
N LEU A 419 2.12 -25.35 7.43
CA LEU A 419 1.07 -24.46 7.89
C LEU A 419 0.36 -25.02 9.12
N ILE A 420 0.27 -24.21 10.17
CA ILE A 420 -0.37 -24.64 11.41
C ILE A 420 -1.16 -23.51 12.05
N ALA A 421 -1.79 -23.82 13.17
CA ALA A 421 -2.54 -22.86 13.96
C ALA A 421 -1.97 -23.09 15.36
N SER A 422 -1.54 -22.03 16.02
CA SER A 422 -0.96 -22.16 17.35
C SER A 422 -1.17 -20.93 18.22
N ASN A 423 -1.41 -21.14 19.50
CA ASN A 423 -1.62 -20.04 20.42
C ASN A 423 -0.30 -19.42 20.86
N TRP A 424 0.80 -20.05 20.48
CA TRP A 424 2.13 -19.57 20.81
C TRP A 424 2.32 -18.11 20.41
N TYR A 425 1.80 -17.76 19.24
CA TYR A 425 1.93 -16.40 18.72
C TYR A 425 1.38 -15.29 19.61
N PHE A 426 0.33 -15.60 20.36
CA PHE A 426 -0.27 -14.62 21.24
C PHE A 426 0.67 -14.12 22.34
N ASN A 427 1.79 -14.82 22.54
CA ASN A 427 2.74 -14.42 23.57
C ASN A 427 3.94 -13.72 22.95
N HIS A 428 3.86 -13.40 21.66
CA HIS A 428 4.96 -12.73 20.98
C HIS A 428 4.51 -11.66 20.01
N LEU A 429 3.30 -11.14 20.21
CA LEU A 429 2.74 -10.14 19.33
C LEU A 429 3.53 -8.85 19.20
N LYS A 430 4.54 -8.65 20.06
CA LYS A 430 5.34 -7.44 20.01
C LYS A 430 6.61 -7.59 19.18
N ASP A 431 6.93 -8.81 18.77
CA ASP A 431 8.13 -9.05 17.97
C ASP A 431 8.11 -8.24 16.68
N LYS A 432 9.29 -7.87 16.20
CA LYS A 432 9.41 -7.10 14.96
C LYS A 432 8.87 -7.95 13.80
N ILE A 433 9.31 -9.20 13.74
CA ILE A 433 8.91 -10.15 12.71
C ILE A 433 8.25 -11.36 13.38
N LEU A 434 7.09 -11.77 12.86
CA LEU A 434 6.37 -12.91 13.44
C LEU A 434 5.81 -13.82 12.34
N GLY A 435 5.91 -15.12 12.55
CA GLY A 435 5.45 -16.08 11.57
C GLY A 435 3.95 -16.18 11.31
N CYS A 436 3.15 -15.43 12.06
CA CYS A 436 1.71 -15.47 11.88
C CYS A 436 1.17 -14.32 11.02
N ASP A 437 2.07 -13.55 10.42
CA ASP A 437 1.66 -12.44 9.57
C ASP A 437 1.62 -12.87 8.11
N TRP A 438 0.52 -12.58 7.44
CA TRP A 438 0.36 -12.97 6.05
C TRP A 438 -0.04 -11.87 5.07
N TYR A 439 0.56 -11.95 3.88
CA TYR A 439 0.23 -11.03 2.79
C TYR A 439 -0.82 -11.78 1.97
N PHE A 440 -1.86 -11.08 1.52
CA PHE A 440 -2.89 -11.65 0.66
C PHE A 440 -2.69 -10.93 -0.67
N VAL A 441 -2.13 -11.65 -1.65
CA VAL A 441 -1.81 -11.07 -2.97
C VAL A 441 -2.77 -11.42 -4.11
N PRO A 442 -3.53 -10.42 -4.60
CA PRO A 442 -4.46 -10.68 -5.71
C PRO A 442 -3.75 -10.30 -7.02
N THR A 443 -4.10 -10.96 -8.12
CA THR A 443 -3.48 -10.62 -9.39
C THR A 443 -3.89 -9.19 -9.69
N ASP A 444 -2.99 -8.42 -10.27
CA ASP A 444 -3.26 -7.02 -10.55
C ASP A 444 -2.53 -6.55 -11.81
N GLU A 445 -3.20 -5.74 -12.62
CA GLU A 445 -2.58 -5.25 -13.86
C GLU A 445 -1.37 -4.36 -13.58
N GLY A 446 -1.21 -3.97 -12.32
CA GLY A 446 -0.08 -3.13 -11.94
C GLY A 446 1.18 -3.95 -11.69
N TRP A 447 1.07 -5.27 -11.78
CA TRP A 447 2.23 -6.13 -11.58
C TRP A 447 2.15 -7.40 -12.42
N THR A 448 3.02 -7.44 -13.42
CA THR A 448 3.12 -8.59 -14.32
C THR A 448 4.58 -9.01 -14.23
N ASN A 449 4.82 -10.30 -14.03
CA ASN A 449 6.20 -10.78 -13.95
C ASN A 449 6.80 -10.70 -15.36
N ASP A 450 8.03 -10.22 -15.43
CA ASP A 450 8.74 -10.12 -16.71
C ASP A 450 9.08 -11.53 -17.19
C1 SIA B . -0.02 -47.31 8.58
C2 SIA B . -0.34 -47.44 7.08
C3 SIA B . -1.79 -47.89 6.79
C4 SIA B . -2.78 -46.70 6.82
C5 SIA B . -2.38 -45.52 5.88
C6 SIA B . -1.01 -45.05 6.44
C7 SIA B . -0.43 -43.87 5.65
C8 SIA B . -0.26 -42.64 6.61
C9 SIA B . 0.73 -42.84 7.76
C10 SIA B . -4.14 -44.18 4.86
C11 SIA B . -5.47 -43.50 4.94
N5 SIA B . -3.33 -44.35 5.91
O1A SIA B . -0.85 -47.54 9.44
O1B SIA B . 1.09 -46.96 8.86
O4 SIA B . -4.01 -47.30 6.53
O6 SIA B . -0.07 -46.16 6.41
O7 SIA B . 0.84 -44.19 5.10
O8 SIA B . 0.27 -41.46 5.97
O9 SIA B . 0.14 -42.57 8.99
O10 SIA B . -3.77 -44.57 3.77
C1 SIA B . -1.90 -40.53 5.25
C2 SIA B . -0.56 -40.30 6.04
C3 SIA B . 0.24 -39.12 5.39
C4 SIA B . -0.43 -37.76 5.73
C5 SIA B . -0.60 -37.50 7.24
C6 SIA B . -1.49 -38.67 7.75
C7 SIA B . -1.71 -38.52 9.27
C8 SIA B . -2.79 -39.50 9.87
C9 SIA B . -2.56 -41.00 9.80
C10 SIA B . -0.77 -35.25 8.37
C11 SIA B . -0.90 -33.80 8.19
N5 SIA B . -1.28 -36.16 7.55
O1A SIA B . -1.97 -40.42 4.04
O1B SIA B . -2.88 -40.80 5.89
O4 SIA B . 0.37 -36.81 5.09
O6 SIA B . -0.86 -39.93 7.44
O7 SIA B . -0.50 -38.70 9.96
O8 SIA B . -2.92 -39.23 11.28
O9 SIA B . -3.48 -41.72 10.58
O10 SIA B . -0.14 -35.64 9.31
C1 SIA B . -4.35 -37.24 11.05
C2 SIA B . -4.17 -38.66 11.67
C3 SIA B . -4.18 -38.59 13.23
C4 SIA B . -5.63 -38.41 13.75
C5 SIA B . -6.63 -39.48 13.27
C6 SIA B . -6.62 -39.33 11.72
C7 SIA B . -7.55 -40.34 11.04
C8 SIA B . -7.81 -39.94 9.55
C9 SIA B . -9.11 -40.32 8.85
C10 SIA B . -8.52 -39.97 14.82
C11 SIA B . -8.39 -41.44 14.96
N5 SIA B . -8.04 -39.28 13.78
O1A SIA B . -3.97 -36.22 11.59
O1B SIA B . -4.90 -37.17 9.98
O4 SIA B . -5.48 -38.37 15.14
O6 SIA B . -5.27 -39.52 11.22
O7 SIA B . -7.02 -41.64 11.14
O8 SIA B . -7.72 -38.54 9.39
O9 SIA B . -8.97 -41.49 8.08
O10 SIA B . -9.08 -39.35 15.68
C1 GOL C . 5.76 -22.54 15.18
O1 GOL C . 4.38 -22.82 15.34
C2 GOL C . 6.35 -21.78 16.36
O2 GOL C . 7.53 -21.05 15.93
C3 GOL C . 6.71 -22.74 17.48
O3 GOL C . 5.59 -23.33 18.11
S SO4 D . -3.42 -24.29 23.77
O1 SO4 D . -2.43 -23.49 24.46
O2 SO4 D . -4.78 -23.82 24.11
O3 SO4 D . -3.29 -25.71 24.15
O4 SO4 D . -3.19 -24.19 22.32
S SO4 E . 16.02 -23.45 2.05
O1 SO4 E . 16.48 -22.76 3.26
O2 SO4 E . 15.07 -24.50 2.42
O3 SO4 E . 17.17 -24.04 1.34
O4 SO4 E . 15.39 -22.45 1.15
S SO4 F . -16.37 -24.91 13.88
O1 SO4 F . -15.01 -24.46 14.23
O2 SO4 F . -17.30 -23.76 13.97
O3 SO4 F . -16.82 -25.96 14.83
O4 SO4 F . -16.37 -25.48 12.51
S SO4 G . 6.27 -35.42 -1.36
O1 SO4 G . 5.92 -34.75 -0.12
O2 SO4 G . 6.31 -36.87 -1.13
O3 SO4 G . 7.60 -34.96 -1.83
O4 SO4 G . 5.26 -35.07 -2.39
#